data_8QBH
#
_entry.id   8QBH
#
_cell.length_a   55.940
_cell.length_b   154.730
_cell.length_c   92.090
_cell.angle_alpha   90.00
_cell.angle_beta   90.00
_cell.angle_gamma   90.00
#
_symmetry.space_group_name_H-M   'C 2 2 21'
#
loop_
_entity.id
_entity.type
_entity.pdbx_description
1 polymer 'Photorhabdus luminescens subsp. laumondii TTO1 complete genome segment 15/17'
2 non-polymer 1-NAPHTHOL
3 water water
#
_entity_poly.entity_id   1
_entity_poly.type   'polypeptide(L)'
_entity_poly.pdbx_seq_one_letter_code
;MGSSHHHHHHSQDPNSMNNKNKPNRISPELLATCGYFMPRIFFLNSQYAPQVHWGDVVAALSHFPAGNLDLSSEEFWYEW
MINWSKVGDSYINIANSAKSEVSHVRALRSAAACYHWAEFMYFSDRSRKIQLREYIRSCFLSSIKYSDLLVDHQYIVVDK
FHMPFFLIFPKGYKEEENHPLPCVILSNGLDSMTEIEILSLAEFFLGKNMAVAIFDGPGQGINLGKSPIAIDMELYVSSI
VKLLEDDARINSNLLCFLGISFGGYFALRVAQRIGDKFCCIVNLSGGPEIAEFDKLPRRLKEDFQFAFMQDNSHMQSIFD
EIKLDISLPCKTKVFTVHGELDDIFQIDKVKKLDQLWGDNHQLLCYESEAHVCLNKINEYMIQVSDWVSEQFWLNGYKKG
;
_entity_poly.pdbx_strand_id   A
#
# COMPACT_ATOMS: atom_id res chain seq x y z
N ASN A 21 -32.22 0.50 -25.69
CA ASN A 21 -31.18 1.04 -24.75
C ASN A 21 -29.79 0.76 -25.31
N LYS A 22 -28.79 1.54 -24.87
CA LYS A 22 -27.36 1.40 -25.26
C LYS A 22 -26.68 0.41 -24.30
N PRO A 23 -25.56 -0.22 -24.71
CA PRO A 23 -24.79 -1.08 -23.80
C PRO A 23 -24.22 -0.28 -22.61
N ASN A 24 -24.29 -0.85 -21.40
CA ASN A 24 -23.72 -0.26 -20.16
C ASN A 24 -22.24 0.06 -20.40
N ARG A 25 -21.87 1.35 -20.25
CA ARG A 25 -20.50 1.86 -20.53
C ARG A 25 -20.21 3.06 -19.61
N ILE A 26 -18.93 3.35 -19.39
CA ILE A 26 -18.44 4.54 -18.64
C ILE A 26 -18.43 5.72 -19.62
N SER A 27 -19.05 6.85 -19.23
CA SER A 27 -19.18 8.06 -20.07
C SER A 27 -17.79 8.55 -20.48
N PRO A 28 -17.59 8.99 -21.75
CA PRO A 28 -16.28 9.47 -22.20
C PRO A 28 -15.64 10.50 -21.27
N GLU A 29 -16.45 11.43 -20.75
CA GLU A 29 -16.00 12.56 -19.88
C GLU A 29 -15.42 11.99 -18.58
N LEU A 30 -16.18 11.14 -17.90
CA LEU A 30 -15.85 10.54 -16.57
C LEU A 30 -14.60 9.64 -16.71
N LEU A 31 -14.54 8.85 -17.79
CA LEU A 31 -13.43 7.91 -18.08
C LEU A 31 -12.13 8.70 -18.26
N ALA A 32 -12.20 9.82 -19.00
CA ALA A 32 -11.08 10.76 -19.23
C ALA A 32 -10.69 11.47 -17.92
N THR A 33 -11.70 11.86 -17.13
CA THR A 33 -11.55 12.57 -15.83
C THR A 33 -10.72 11.70 -14.85
N CYS A 34 -11.00 10.39 -14.80
CA CYS A 34 -10.44 9.44 -13.80
C CYS A 34 -9.11 8.84 -14.28
N GLY A 35 -8.56 9.31 -15.40
CA GLY A 35 -7.34 8.80 -16.04
C GLY A 35 -6.19 8.60 -15.06
N TYR A 36 -6.04 9.49 -14.08
CA TYR A 36 -4.97 9.47 -13.04
C TYR A 36 -5.16 8.26 -12.11
N PHE A 37 -6.41 7.90 -11.80
CA PHE A 37 -6.79 6.91 -10.76
C PHE A 37 -6.96 5.51 -11.37
N MET A 38 -7.19 5.39 -12.67
CA MET A 38 -7.44 4.08 -13.35
C MET A 38 -6.25 3.15 -13.13
N PRO A 39 -4.98 3.60 -13.33
CA PRO A 39 -3.82 2.78 -13.00
C PRO A 39 -3.80 2.32 -11.54
N ARG A 40 -4.26 3.17 -10.61
CA ARG A 40 -4.36 2.88 -9.16
C ARG A 40 -5.42 1.80 -8.93
N ILE A 41 -6.61 1.97 -9.52
CA ILE A 41 -7.81 1.09 -9.30
C ILE A 41 -7.49 -0.34 -9.75
N PHE A 42 -6.94 -0.50 -10.96
CA PHE A 42 -6.60 -1.82 -11.56
C PHE A 42 -5.34 -2.39 -10.87
N PHE A 43 -4.38 -1.52 -10.53
CA PHE A 43 -3.11 -1.84 -9.84
C PHE A 43 -2.47 -3.06 -10.52
N LEU A 44 -2.10 -4.10 -9.75
CA LEU A 44 -1.31 -5.26 -10.22
C LEU A 44 -2.22 -6.48 -10.40
N ASN A 45 -1.94 -7.29 -11.43
CA ASN A 45 -2.60 -8.60 -11.70
C ASN A 45 -2.10 -9.58 -10.64
N SER A 46 -2.87 -9.73 -9.55
CA SER A 46 -2.51 -10.51 -8.35
CA SER A 46 -2.51 -10.51 -8.35
C SER A 46 -3.17 -11.89 -8.39
N GLN A 47 -2.63 -12.83 -7.61
CA GLN A 47 -3.13 -14.22 -7.44
C GLN A 47 -4.07 -14.25 -6.22
N TYR A 48 -3.67 -13.62 -5.11
CA TYR A 48 -4.35 -13.67 -3.79
C TYR A 48 -5.06 -12.34 -3.48
N ALA A 49 -4.38 -11.21 -3.67
CA ALA A 49 -4.87 -9.86 -3.33
C ALA A 49 -6.12 -9.55 -4.15
N PRO A 50 -7.20 -9.03 -3.51
CA PRO A 50 -8.38 -8.55 -4.22
C PRO A 50 -8.05 -7.59 -5.38
N GLN A 51 -8.72 -7.78 -6.53
CA GLN A 51 -8.54 -6.94 -7.74
C GLN A 51 -9.89 -6.82 -8.47
N VAL A 52 -10.19 -5.61 -8.96
CA VAL A 52 -11.41 -5.32 -9.78
C VAL A 52 -11.20 -5.84 -11.20
N HIS A 53 -12.29 -6.22 -11.86
CA HIS A 53 -12.40 -6.42 -13.33
C HIS A 53 -12.91 -5.12 -13.97
N TRP A 54 -12.68 -4.93 -15.27
CA TRP A 54 -13.21 -3.77 -16.03
C TRP A 54 -14.71 -3.62 -15.77
N GLY A 55 -15.44 -4.74 -15.78
CA GLY A 55 -16.91 -4.79 -15.55
C GLY A 55 -17.31 -4.16 -14.22
N ASP A 56 -16.46 -4.28 -13.20
CA ASP A 56 -16.70 -3.69 -11.84
C ASP A 56 -16.67 -2.17 -11.94
N VAL A 57 -15.73 -1.61 -12.72
CA VAL A 57 -15.62 -0.14 -12.95
C VAL A 57 -16.86 0.33 -13.72
N VAL A 58 -17.31 -0.44 -14.71
CA VAL A 58 -18.53 -0.15 -15.51
C VAL A 58 -19.74 -0.13 -14.55
N ALA A 59 -19.89 -1.17 -13.72
CA ALA A 59 -20.99 -1.33 -12.74
C ALA A 59 -21.02 -0.14 -11.78
N ALA A 60 -19.84 0.42 -11.46
CA ALA A 60 -19.68 1.55 -10.52
C ALA A 60 -20.03 2.88 -11.22
N LEU A 61 -19.54 3.10 -12.44
CA LEU A 61 -19.53 4.44 -13.10
C LEU A 61 -20.60 4.54 -14.21
N SER A 62 -21.23 3.43 -14.62
CA SER A 62 -22.22 3.40 -15.73
C SER A 62 -23.42 4.30 -15.41
N HIS A 63 -23.87 4.32 -14.15
CA HIS A 63 -25.01 5.12 -13.65
C HIS A 63 -24.52 6.20 -12.67
N PHE A 64 -23.32 6.73 -12.89
CA PHE A 64 -22.73 7.87 -12.13
C PHE A 64 -23.46 9.15 -12.55
N PRO A 65 -23.89 10.02 -11.61
CA PRO A 65 -24.68 11.19 -11.96
C PRO A 65 -23.94 12.15 -12.91
N ALA A 66 -24.64 12.64 -13.94
CA ALA A 66 -24.10 13.53 -14.99
C ALA A 66 -23.82 14.92 -14.41
N GLY A 67 -22.87 15.64 -15.01
CA GLY A 67 -22.44 16.99 -14.59
C GLY A 67 -21.73 16.98 -13.25
N ASN A 68 -21.05 15.87 -12.93
CA ASN A 68 -20.30 15.65 -11.66
C ASN A 68 -18.93 15.06 -12.02
N LEU A 69 -17.99 15.93 -12.44
CA LEU A 69 -16.67 15.52 -13.00
C LEU A 69 -15.53 16.30 -12.33
N ASP A 70 -15.76 16.87 -11.14
CA ASP A 70 -14.76 17.66 -10.38
C ASP A 70 -14.10 16.75 -9.34
N LEU A 71 -12.83 16.37 -9.58
CA LEU A 71 -12.05 15.48 -8.67
C LEU A 71 -11.73 16.21 -7.37
N SER A 72 -11.69 17.54 -7.38
CA SER A 72 -11.39 18.39 -6.19
C SER A 72 -12.60 18.45 -5.26
N SER A 73 -13.80 18.18 -5.76
CA SER A 73 -15.10 18.38 -5.06
C SER A 73 -15.39 17.20 -4.12
N GLU A 74 -16.07 17.48 -3.01
CA GLU A 74 -16.50 16.50 -1.98
C GLU A 74 -17.74 15.72 -2.49
N GLU A 75 -18.54 16.35 -3.37
CA GLU A 75 -19.77 15.77 -3.95
C GLU A 75 -19.41 14.58 -4.85
N PHE A 76 -18.31 14.69 -5.62
CA PHE A 76 -17.84 13.65 -6.57
C PHE A 76 -17.52 12.36 -5.82
N TRP A 77 -16.73 12.45 -4.75
CA TRP A 77 -16.18 11.29 -4.01
C TRP A 77 -17.25 10.67 -3.09
N TYR A 78 -18.32 11.41 -2.75
CA TYR A 78 -19.52 10.85 -2.09
C TYR A 78 -20.20 9.86 -3.04
N GLU A 79 -20.51 10.32 -4.26
CA GLU A 79 -21.20 9.51 -5.31
C GLU A 79 -20.30 8.32 -5.69
N TRP A 80 -18.98 8.54 -5.75
CA TRP A 80 -17.94 7.49 -5.98
C TRP A 80 -18.11 6.38 -4.93
N MET A 81 -18.12 6.76 -3.65
CA MET A 81 -18.26 5.84 -2.50
C MET A 81 -19.59 5.08 -2.60
N ILE A 82 -20.69 5.79 -2.84
CA ILE A 82 -22.08 5.24 -2.96
C ILE A 82 -22.10 4.15 -4.03
N ASN A 83 -21.56 4.46 -5.21
CA ASN A 83 -21.69 3.62 -6.44
C ASN A 83 -20.75 2.41 -6.34
N TRP A 84 -19.55 2.58 -5.78
CA TRP A 84 -18.57 1.47 -5.57
C TRP A 84 -19.07 0.55 -4.45
N SER A 85 -19.69 1.10 -3.40
CA SER A 85 -20.34 0.35 -2.30
C SER A 85 -21.41 -0.60 -2.88
N LYS A 86 -22.17 -0.12 -3.87
CA LYS A 86 -23.25 -0.87 -4.55
C LYS A 86 -22.66 -2.13 -5.21
N VAL A 87 -21.52 -2.00 -5.89
CA VAL A 87 -20.83 -3.13 -6.59
C VAL A 87 -20.30 -4.10 -5.53
N GLY A 88 -19.70 -3.57 -4.45
CA GLY A 88 -19.26 -4.35 -3.28
C GLY A 88 -20.39 -5.18 -2.71
N ASP A 89 -21.55 -4.56 -2.47
CA ASP A 89 -22.78 -5.20 -1.94
C ASP A 89 -23.20 -6.36 -2.86
N SER A 90 -23.14 -6.15 -4.17
CA SER A 90 -23.55 -7.15 -5.20
CA SER A 90 -23.55 -7.16 -5.20
C SER A 90 -22.70 -8.42 -5.08
N TYR A 91 -21.39 -8.25 -4.86
CA TYR A 91 -20.41 -9.37 -4.74
C TYR A 91 -20.60 -10.12 -3.41
N ILE A 92 -20.97 -9.41 -2.34
CA ILE A 92 -21.27 -10.01 -1.01
C ILE A 92 -22.51 -10.91 -1.14
N ASN A 93 -23.51 -10.50 -1.93
CA ASN A 93 -24.74 -11.28 -2.22
C ASN A 93 -24.35 -12.57 -2.96
N ILE A 94 -23.46 -12.47 -3.95
CA ILE A 94 -22.92 -13.62 -4.73
C ILE A 94 -22.18 -14.57 -3.78
N ALA A 95 -21.36 -14.01 -2.87
CA ALA A 95 -20.55 -14.75 -1.87
C ALA A 95 -21.45 -15.56 -0.94
N ASN A 96 -22.53 -14.95 -0.44
CA ASN A 96 -23.48 -15.56 0.52
C ASN A 96 -24.24 -16.71 -0.15
N SER A 97 -24.54 -16.59 -1.45
CA SER A 97 -25.36 -17.57 -2.23
CA SER A 97 -25.36 -17.57 -2.23
C SER A 97 -24.44 -18.51 -3.03
N ALA A 98 -23.12 -18.35 -2.92
CA ALA A 98 -22.10 -19.17 -3.60
C ALA A 98 -22.27 -20.64 -3.18
N LYS A 99 -22.14 -21.57 -4.14
CA LYS A 99 -22.41 -23.02 -3.97
C LYS A 99 -21.11 -23.78 -3.66
N SER A 100 -19.97 -23.08 -3.66
CA SER A 100 -18.62 -23.66 -3.37
C SER A 100 -17.76 -22.66 -2.60
N GLU A 101 -16.72 -23.15 -1.92
CA GLU A 101 -15.74 -22.34 -1.16
C GLU A 101 -14.92 -21.48 -2.13
N VAL A 102 -14.49 -22.06 -3.26
CA VAL A 102 -13.67 -21.36 -4.30
C VAL A 102 -14.47 -20.17 -4.85
N SER A 103 -15.77 -20.36 -5.13
CA SER A 103 -16.70 -19.31 -5.64
C SER A 103 -16.91 -18.24 -4.57
N HIS A 104 -17.11 -18.65 -3.32
CA HIS A 104 -17.28 -17.78 -2.14
C HIS A 104 -16.09 -16.82 -2.02
N VAL A 105 -14.86 -17.35 -2.06
CA VAL A 105 -13.59 -16.59 -1.90
C VAL A 105 -13.43 -15.61 -3.08
N ARG A 106 -13.67 -16.07 -4.31
CA ARG A 106 -13.60 -15.24 -5.54
C ARG A 106 -14.48 -14.00 -5.37
N ALA A 107 -15.72 -14.20 -4.88
CA ALA A 107 -16.74 -13.15 -4.68
C ALA A 107 -16.29 -12.20 -3.56
N LEU A 108 -15.83 -12.75 -2.43
CA LEU A 108 -15.34 -11.98 -1.26
C LEU A 108 -14.18 -11.07 -1.69
N ARG A 109 -13.24 -11.61 -2.48
CA ARG A 109 -12.07 -10.86 -3.01
C ARG A 109 -12.58 -9.66 -3.83
N SER A 110 -13.49 -9.89 -4.77
CA SER A 110 -14.10 -8.85 -5.64
C SER A 110 -14.80 -7.79 -4.75
N ALA A 111 -15.58 -8.22 -3.76
CA ALA A 111 -16.28 -7.34 -2.79
C ALA A 111 -15.26 -6.44 -2.08
N ALA A 112 -14.19 -7.05 -1.54
CA ALA A 112 -13.12 -6.38 -0.77
C ALA A 112 -12.46 -5.29 -1.62
N ALA A 113 -12.17 -5.58 -2.89
CA ALA A 113 -11.57 -4.64 -3.87
C ALA A 113 -12.51 -3.45 -4.09
N CYS A 114 -13.80 -3.73 -4.33
CA CYS A 114 -14.85 -2.71 -4.61
C CYS A 114 -15.01 -1.78 -3.40
N TYR A 115 -15.09 -2.33 -2.19
CA TYR A 115 -15.27 -1.57 -0.91
C TYR A 115 -14.04 -0.68 -0.66
N HIS A 116 -12.85 -1.13 -1.03
CA HIS A 116 -11.57 -0.37 -0.86
C HIS A 116 -11.62 0.90 -1.72
N TRP A 117 -11.98 0.78 -3.00
CA TRP A 117 -12.03 1.91 -3.95
C TRP A 117 -13.19 2.85 -3.59
N ALA A 118 -14.22 2.35 -2.91
CA ALA A 118 -15.34 3.15 -2.36
C ALA A 118 -14.81 4.13 -1.31
N GLU A 119 -13.84 3.72 -0.49
CA GLU A 119 -13.44 4.43 0.76
C GLU A 119 -12.09 5.15 0.59
N PHE A 120 -11.19 4.70 -0.30
CA PHE A 120 -9.75 5.08 -0.29
C PHE A 120 -9.58 6.60 -0.43
N MET A 121 -10.50 7.30 -1.10
CA MET A 121 -10.45 8.77 -1.31
C MET A 121 -11.74 9.42 -0.79
N TYR A 122 -12.38 8.81 0.21
CA TYR A 122 -13.60 9.31 0.90
C TYR A 122 -13.28 9.58 2.36
N PHE A 123 -13.43 10.83 2.82
CA PHE A 123 -13.04 11.31 4.17
C PHE A 123 -14.16 12.15 4.81
N SER A 124 -15.38 12.11 4.28
CA SER A 124 -16.50 12.98 4.68
C SER A 124 -17.25 12.39 5.88
N ASP A 125 -17.35 11.05 5.95
CA ASP A 125 -18.01 10.29 7.04
C ASP A 125 -16.99 9.31 7.62
N ARG A 126 -16.35 9.67 8.75
CA ARG A 126 -15.29 8.88 9.43
C ARG A 126 -15.82 7.48 9.75
N SER A 127 -17.05 7.39 10.28
CA SER A 127 -17.71 6.12 10.70
C SER A 127 -17.92 5.19 9.50
N ARG A 128 -18.33 5.74 8.35
CA ARG A 128 -18.61 4.99 7.09
C ARG A 128 -17.30 4.45 6.51
N LYS A 129 -16.23 5.26 6.55
CA LYS A 129 -14.88 4.88 6.02
C LYS A 129 -14.33 3.72 6.84
N ILE A 130 -14.36 3.82 8.18
CA ILE A 130 -13.89 2.79 9.13
C ILE A 130 -14.70 1.50 8.91
N GLN A 131 -16.02 1.62 8.73
CA GLN A 131 -16.95 0.49 8.48
C GLN A 131 -16.52 -0.28 7.24
N LEU A 132 -16.22 0.43 6.14
CA LEU A 132 -15.80 -0.16 4.84
C LEU A 132 -14.45 -0.87 5.00
N ARG A 133 -13.51 -0.27 5.75
CA ARG A 133 -12.18 -0.88 6.01
C ARG A 133 -12.36 -2.10 6.92
N GLU A 134 -13.32 -2.07 7.85
CA GLU A 134 -13.68 -3.19 8.74
C GLU A 134 -14.28 -4.34 7.94
N TYR A 135 -15.13 -4.04 6.94
CA TYR A 135 -15.68 -5.04 5.98
C TYR A 135 -14.52 -5.81 5.33
N ILE A 136 -13.56 -5.06 4.79
CA ILE A 136 -12.39 -5.60 4.02
C ILE A 136 -11.57 -6.52 4.91
N ARG A 137 -11.26 -6.08 6.13
CA ARG A 137 -10.43 -6.84 7.11
C ARG A 137 -11.18 -8.11 7.54
N SER A 138 -12.49 -8.02 7.78
CA SER A 138 -13.37 -9.16 8.14
C SER A 138 -13.30 -10.22 7.02
N CYS A 139 -13.43 -9.79 5.76
CA CYS A 139 -13.35 -10.65 4.55
C CYS A 139 -11.97 -11.31 4.46
N PHE A 140 -10.90 -10.56 4.77
CA PHE A 140 -9.48 -11.01 4.70
C PHE A 140 -9.23 -12.10 5.74
N LEU A 141 -9.58 -11.83 7.01
CA LEU A 141 -9.36 -12.76 8.15
C LEU A 141 -10.15 -14.06 7.92
N SER A 142 -11.33 -13.97 7.31
CA SER A 142 -12.23 -15.13 7.01
C SER A 142 -11.67 -15.95 5.84
N SER A 143 -10.96 -15.31 4.91
CA SER A 143 -10.39 -15.94 3.68
C SER A 143 -9.14 -16.75 4.02
N ILE A 144 -8.46 -16.43 5.12
CA ILE A 144 -7.17 -17.06 5.55
C ILE A 144 -7.34 -18.57 5.69
N LYS A 145 -8.50 -19.04 6.18
CA LYS A 145 -8.78 -20.49 6.41
C LYS A 145 -8.79 -21.23 5.06
N TYR A 146 -9.17 -20.55 3.98
CA TYR A 146 -9.27 -21.11 2.60
C TYR A 146 -7.95 -20.94 1.85
N SER A 147 -7.03 -20.14 2.38
CA SER A 147 -5.70 -19.84 1.79
C SER A 147 -4.85 -21.12 1.73
N ASP A 148 -3.98 -21.23 0.71
CA ASP A 148 -2.99 -22.33 0.55
C ASP A 148 -1.60 -21.82 0.96
N LEU A 149 -1.52 -20.56 1.46
CA LEU A 149 -0.30 -19.99 2.08
C LEU A 149 -0.49 -19.96 3.60
N LEU A 150 0.58 -20.29 4.35
CA LEU A 150 0.60 -20.19 5.83
C LEU A 150 0.64 -18.71 6.22
N VAL A 151 -0.38 -18.25 6.96
CA VAL A 151 -0.53 -16.84 7.43
C VAL A 151 -0.49 -16.84 8.97
N ASP A 152 0.63 -16.42 9.55
CA ASP A 152 0.81 -16.25 11.03
C ASP A 152 0.32 -14.84 11.39
N HIS A 153 -0.92 -14.74 11.87
CA HIS A 153 -1.60 -13.47 12.28
C HIS A 153 -1.55 -13.33 13.81
N GLN A 154 -1.07 -12.18 14.30
CA GLN A 154 -1.02 -11.84 15.75
C GLN A 154 -0.91 -10.32 15.91
N TYR A 155 -0.93 -9.85 17.15
CA TYR A 155 -0.74 -8.42 17.53
C TYR A 155 0.69 -8.25 18.10
N ILE A 156 1.40 -7.22 17.62
CA ILE A 156 2.70 -6.77 18.19
C ILE A 156 2.42 -5.56 19.09
N VAL A 157 2.71 -5.70 20.39
CA VAL A 157 2.47 -4.65 21.42
C VAL A 157 3.66 -3.68 21.40
N VAL A 158 3.46 -2.46 20.91
CA VAL A 158 4.48 -1.36 20.90
C VAL A 158 3.99 -0.28 21.87
N ASP A 159 4.57 -0.24 23.08
CA ASP A 159 4.15 0.63 24.21
C ASP A 159 2.74 0.22 24.63
N LYS A 160 1.72 1.03 24.30
CA LYS A 160 0.28 0.75 24.58
C LYS A 160 -0.45 0.34 23.29
N PHE A 161 0.21 0.48 22.13
CA PHE A 161 -0.39 0.26 20.78
C PHE A 161 -0.32 -1.22 20.42
N HIS A 162 -1.47 -1.81 20.08
CA HIS A 162 -1.62 -3.21 19.59
C HIS A 162 -1.66 -3.21 18.06
N MET A 163 -0.52 -3.48 17.42
CA MET A 163 -0.32 -3.38 15.95
C MET A 163 -0.72 -4.70 15.29
N PRO A 164 -1.76 -4.73 14.43
CA PRO A 164 -2.04 -5.89 13.60
C PRO A 164 -0.83 -6.25 12.72
N PHE A 165 -0.43 -7.53 12.73
CA PHE A 165 0.77 -8.06 12.03
C PHE A 165 0.41 -9.37 11.33
N PHE A 166 0.89 -9.54 10.09
CA PHE A 166 0.69 -10.75 9.24
C PHE A 166 2.04 -11.19 8.66
N LEU A 167 2.49 -12.39 9.03
CA LEU A 167 3.69 -13.06 8.46
C LEU A 167 3.22 -14.18 7.52
N ILE A 168 3.37 -13.97 6.21
CA ILE A 168 2.91 -14.92 5.14
C ILE A 168 4.16 -15.61 4.56
N PHE A 169 4.06 -16.92 4.31
CA PHE A 169 5.16 -17.78 3.79
C PHE A 169 4.85 -18.20 2.36
N PRO A 170 5.87 -18.57 1.56
CA PRO A 170 5.65 -18.98 0.17
C PRO A 170 4.77 -20.24 0.03
N LYS A 171 4.31 -20.52 -1.20
CA LYS A 171 3.43 -21.67 -1.55
C LYS A 171 4.17 -22.98 -1.27
N GLY A 172 3.50 -23.92 -0.59
CA GLY A 172 4.01 -25.27 -0.28
C GLY A 172 5.22 -25.23 0.64
N TYR A 173 5.24 -24.28 1.60
CA TYR A 173 6.33 -24.11 2.59
C TYR A 173 6.21 -25.18 3.68
N LYS A 174 7.33 -25.84 4.00
CA LYS A 174 7.46 -26.83 5.10
C LYS A 174 8.69 -26.48 5.93
N GLU A 175 8.50 -26.19 7.22
CA GLU A 175 9.56 -25.74 8.17
C GLU A 175 10.67 -26.80 8.26
N GLU A 176 10.29 -28.08 8.32
CA GLU A 176 11.22 -29.22 8.52
C GLU A 176 12.17 -29.34 7.31
N GLU A 177 11.61 -29.35 6.09
CA GLU A 177 12.36 -29.55 4.82
C GLU A 177 13.19 -28.32 4.48
N ASN A 178 12.61 -27.12 4.67
CA ASN A 178 13.20 -25.83 4.22
C ASN A 178 14.14 -25.28 5.31
N HIS A 179 15.05 -24.38 4.92
CA HIS A 179 15.97 -23.63 5.81
C HIS A 179 15.35 -22.27 6.16
N PRO A 180 15.94 -21.50 7.10
CA PRO A 180 15.45 -20.16 7.41
C PRO A 180 15.34 -19.27 6.17
N LEU A 181 14.14 -18.76 5.87
CA LEU A 181 13.82 -17.96 4.66
C LEU A 181 14.17 -16.50 4.89
N PRO A 182 14.51 -15.74 3.82
CA PRO A 182 14.51 -14.28 3.88
C PRO A 182 13.08 -13.75 4.04
N CYS A 183 12.92 -12.55 4.60
CA CYS A 183 11.61 -11.89 4.84
C CYS A 183 11.65 -10.43 4.38
N VAL A 184 10.61 -10.00 3.65
CA VAL A 184 10.43 -8.59 3.17
C VAL A 184 9.31 -7.94 4.00
N ILE A 185 9.61 -6.85 4.70
CA ILE A 185 8.62 -6.00 5.43
C ILE A 185 8.11 -4.93 4.45
N LEU A 186 6.79 -4.85 4.26
CA LEU A 186 6.15 -3.86 3.35
C LEU A 186 5.24 -2.93 4.18
N SER A 187 5.31 -1.63 3.91
CA SER A 187 4.53 -0.57 4.61
C SER A 187 3.45 0.00 3.68
N ASN A 188 2.27 0.29 4.24
CA ASN A 188 1.14 0.99 3.56
C ASN A 188 1.58 2.41 3.18
N GLY A 189 0.97 2.95 2.12
CA GLY A 189 0.91 4.40 1.87
C GLY A 189 -0.17 5.04 2.72
N LEU A 190 -0.55 6.28 2.40
CA LEU A 190 -1.51 7.09 3.23
C LEU A 190 -2.93 6.54 3.06
N ASP A 191 -3.29 6.07 1.86
CA ASP A 191 -4.69 5.73 1.47
C ASP A 191 -4.78 4.29 0.94
N SER A 192 -3.73 3.47 1.11
CA SER A 192 -3.73 2.03 0.73
C SER A 192 -4.35 1.20 1.87
N MET A 193 -4.82 0.01 1.54
CA MET A 193 -5.27 -1.02 2.52
C MET A 193 -4.32 -2.22 2.43
N THR A 194 -3.93 -2.77 3.59
CA THR A 194 -2.83 -3.75 3.77
C THR A 194 -3.03 -4.96 2.83
N GLU A 195 -4.23 -5.53 2.81
CA GLU A 195 -4.53 -6.82 2.13
C GLU A 195 -4.88 -6.57 0.66
N ILE A 196 -4.80 -5.33 0.17
CA ILE A 196 -5.10 -4.95 -1.25
C ILE A 196 -3.77 -4.63 -1.96
N GLU A 197 -3.30 -3.37 -1.90
CA GLU A 197 -2.12 -2.90 -2.66
C GLU A 197 -0.84 -3.56 -2.13
N ILE A 198 -0.70 -3.68 -0.81
CA ILE A 198 0.57 -4.10 -0.14
C ILE A 198 0.74 -5.61 -0.30
N LEU A 199 -0.34 -6.39 -0.19
CA LEU A 199 -0.34 -7.85 -0.47
C LEU A 199 -0.04 -8.08 -1.96
N SER A 200 -0.56 -7.21 -2.83
CA SER A 200 -0.30 -7.24 -4.31
C SER A 200 1.21 -7.11 -4.57
N LEU A 201 1.88 -6.17 -3.90
CA LEU A 201 3.35 -5.95 -3.98
C LEU A 201 4.08 -7.16 -3.40
N ALA A 202 3.58 -7.68 -2.26
CA ALA A 202 4.19 -8.78 -1.48
C ALA A 202 4.32 -10.06 -2.32
N GLU A 203 3.37 -10.30 -3.24
CA GLU A 203 3.31 -11.53 -4.08
C GLU A 203 4.57 -11.68 -4.93
N PHE A 204 5.23 -10.58 -5.29
CA PHE A 204 6.48 -10.57 -6.10
C PHE A 204 7.63 -11.20 -5.30
N PHE A 205 7.57 -11.16 -3.97
CA PHE A 205 8.60 -11.69 -3.04
C PHE A 205 8.23 -13.12 -2.62
N LEU A 206 6.94 -13.39 -2.39
CA LEU A 206 6.40 -14.75 -2.13
C LEU A 206 6.71 -15.67 -3.32
N GLY A 207 6.64 -15.12 -4.54
CA GLY A 207 6.96 -15.83 -5.80
C GLY A 207 8.41 -16.25 -5.88
N LYS A 208 9.30 -15.57 -5.16
CA LYS A 208 10.76 -15.84 -5.10
C LYS A 208 11.11 -16.60 -3.81
N ASN A 209 10.14 -17.29 -3.21
CA ASN A 209 10.31 -18.16 -2.02
C ASN A 209 10.86 -17.33 -0.85
N MET A 210 10.38 -16.10 -0.69
CA MET A 210 10.66 -15.22 0.48
C MET A 210 9.39 -15.13 1.34
N ALA A 211 9.55 -15.10 2.66
CA ALA A 211 8.49 -14.70 3.62
C ALA A 211 8.21 -13.22 3.43
N VAL A 212 6.99 -12.77 3.75
CA VAL A 212 6.60 -11.32 3.68
C VAL A 212 5.91 -10.94 4.99
N ALA A 213 6.17 -9.72 5.46
CA ALA A 213 5.59 -9.12 6.68
C ALA A 213 4.83 -7.85 6.30
N ILE A 214 3.50 -7.85 6.50
CA ILE A 214 2.61 -6.68 6.29
C ILE A 214 1.94 -6.36 7.64
N PHE A 215 1.79 -5.08 7.95
CA PHE A 215 1.40 -4.57 9.30
C PHE A 215 0.55 -3.32 9.17
N ASP A 216 -0.25 -3.04 10.21
CA ASP A 216 -1.10 -1.82 10.35
C ASP A 216 -0.55 -0.99 11.50
N GLY A 217 0.44 -0.12 11.23
CA GLY A 217 0.94 0.88 12.19
C GLY A 217 -0.12 1.91 12.54
N PRO A 218 0.15 2.85 13.47
CA PRO A 218 -0.80 3.92 13.76
C PRO A 218 -1.22 4.67 12.49
N GLY A 219 -2.53 4.80 12.27
CA GLY A 219 -3.12 5.51 11.12
C GLY A 219 -2.98 4.73 9.81
N GLN A 220 -2.57 3.46 9.86
CA GLN A 220 -2.37 2.59 8.68
C GLN A 220 -3.43 1.47 8.68
N GLY A 221 -3.83 1.03 7.49
CA GLY A 221 -4.82 -0.04 7.29
C GLY A 221 -6.08 0.17 8.10
N ILE A 222 -6.40 -0.76 9.00
CA ILE A 222 -7.64 -0.76 9.83
C ILE A 222 -7.59 0.40 10.85
N ASN A 223 -6.38 0.91 11.15
CA ASN A 223 -6.15 1.96 12.18
C ASN A 223 -6.32 3.36 11.58
N LEU A 224 -6.48 3.48 10.26
CA LEU A 224 -6.72 4.78 9.57
C LEU A 224 -8.05 5.37 10.04
N GLY A 225 -8.02 6.57 10.62
CA GLY A 225 -9.20 7.28 11.15
C GLY A 225 -9.35 7.08 12.66
N LYS A 226 -8.71 6.04 13.22
CA LYS A 226 -8.78 5.70 14.66
C LYS A 226 -7.63 6.39 15.40
N SER A 227 -6.38 6.06 15.04
CA SER A 227 -5.15 6.63 15.62
C SER A 227 -4.43 7.49 14.58
N PRO A 228 -3.79 8.61 14.96
CA PRO A 228 -3.02 9.41 14.02
C PRO A 228 -1.85 8.60 13.43
N ILE A 229 -1.46 8.91 12.19
CA ILE A 229 -0.31 8.24 11.50
C ILE A 229 0.99 8.65 12.21
N ALA A 230 1.80 7.66 12.61
CA ALA A 230 3.08 7.85 13.33
C ALA A 230 4.18 8.20 12.32
N ILE A 231 4.81 9.37 12.48
CA ILE A 231 5.93 9.85 11.61
C ILE A 231 7.15 8.96 11.88
N ASP A 232 7.35 8.54 13.13
CA ASP A 232 8.46 7.67 13.59
C ASP A 232 8.03 6.20 13.50
N MET A 233 7.66 5.73 12.30
CA MET A 233 7.14 4.37 12.06
C MET A 233 8.26 3.33 12.25
N GLU A 234 9.53 3.74 12.11
CA GLU A 234 10.72 2.87 12.32
C GLU A 234 10.69 2.23 13.72
N LEU A 235 10.07 2.90 14.71
CA LEU A 235 9.89 2.37 16.08
C LEU A 235 9.05 1.09 16.04
N TYR A 236 8.05 1.05 15.17
CA TYR A 236 7.10 -0.09 15.02
C TYR A 236 7.75 -1.17 14.13
N VAL A 237 8.57 -0.76 13.16
CA VAL A 237 9.37 -1.65 12.29
C VAL A 237 10.41 -2.39 13.14
N SER A 238 11.02 -1.70 14.10
CA SER A 238 12.02 -2.25 15.06
C SER A 238 11.40 -3.43 15.84
N SER A 239 10.14 -3.30 16.25
CA SER A 239 9.37 -4.33 16.99
C SER A 239 9.11 -5.55 16.10
N ILE A 240 8.90 -5.33 14.79
CA ILE A 240 8.73 -6.41 13.76
C ILE A 240 10.07 -7.14 13.60
N VAL A 241 11.16 -6.38 13.47
CA VAL A 241 12.55 -6.93 13.33
C VAL A 241 12.85 -7.83 14.55
N LYS A 242 12.44 -7.40 15.75
CA LYS A 242 12.63 -8.13 17.03
C LYS A 242 11.89 -9.48 16.97
N LEU A 243 10.66 -9.49 16.44
CA LEU A 243 9.83 -10.71 16.25
C LEU A 243 10.53 -11.65 15.28
N LEU A 244 10.99 -11.13 14.14
CA LEU A 244 11.64 -11.90 13.04
C LEU A 244 12.96 -12.47 13.54
N GLU A 245 13.70 -11.72 14.37
CA GLU A 245 14.94 -12.17 15.06
C GLU A 245 14.65 -13.41 15.89
N ASP A 246 13.56 -13.38 16.68
CA ASP A 246 13.16 -14.46 17.63
C ASP A 246 12.55 -15.63 16.84
N ASP A 247 12.03 -15.39 15.64
CA ASP A 247 11.40 -16.42 14.76
C ASP A 247 12.50 -17.25 14.10
N ALA A 248 12.50 -18.56 14.33
CA ALA A 248 13.49 -19.54 13.82
C ALA A 248 13.30 -19.78 12.31
N ARG A 249 12.07 -19.60 11.80
CA ARG A 249 11.69 -19.82 10.39
C ARG A 249 12.28 -18.71 9.50
N ILE A 250 12.59 -17.55 10.08
CA ILE A 250 13.07 -16.33 9.34
C ILE A 250 14.57 -16.16 9.57
N ASN A 251 15.33 -16.00 8.47
CA ASN A 251 16.76 -15.59 8.48
C ASN A 251 16.81 -14.07 8.66
N SER A 252 17.05 -13.62 9.91
CA SER A 252 17.00 -12.19 10.33
C SER A 252 18.16 -11.39 9.72
N ASN A 253 19.20 -12.08 9.21
CA ASN A 253 20.35 -11.46 8.52
C ASN A 253 20.00 -11.17 7.05
N LEU A 254 18.85 -11.68 6.58
CA LEU A 254 18.34 -11.49 5.19
C LEU A 254 16.96 -10.84 5.25
N LEU A 255 16.90 -9.57 5.69
CA LEU A 255 15.65 -8.77 5.80
C LEU A 255 15.70 -7.61 4.79
N CYS A 256 14.54 -7.26 4.23
CA CYS A 256 14.30 -6.07 3.37
C CYS A 256 13.10 -5.31 3.91
N PHE A 257 13.13 -3.97 3.82
CA PHE A 257 11.96 -3.08 4.09
C PHE A 257 11.57 -2.37 2.79
N LEU A 258 10.32 -2.51 2.37
CA LEU A 258 9.74 -1.82 1.19
C LEU A 258 8.65 -0.86 1.68
N GLY A 259 8.62 0.35 1.13
CA GLY A 259 7.56 1.36 1.36
C GLY A 259 7.08 1.96 0.05
N ILE A 260 5.77 2.19 -0.07
CA ILE A 260 5.13 2.78 -1.29
C ILE A 260 4.45 4.10 -0.90
N SER A 261 4.58 5.12 -1.77
CA SER A 261 4.02 6.47 -1.60
C SER A 261 4.58 7.09 -0.31
N PHE A 262 3.73 7.40 0.68
CA PHE A 262 4.14 7.90 2.01
C PHE A 262 4.87 6.80 2.79
N GLY A 263 4.61 5.54 2.45
CA GLY A 263 5.35 4.37 2.97
C GLY A 263 6.82 4.42 2.56
N GLY A 264 7.09 4.95 1.36
CA GLY A 264 8.45 5.17 0.82
C GLY A 264 9.23 6.15 1.68
N TYR A 265 8.55 7.15 2.24
CA TYR A 265 9.12 8.13 3.21
C TYR A 265 9.62 7.38 4.45
N PHE A 266 8.80 6.46 4.99
CA PHE A 266 9.14 5.61 6.15
C PHE A 266 10.37 4.74 5.82
N ALA A 267 10.48 4.28 4.57
CA ALA A 267 11.61 3.47 4.06
C ALA A 267 12.92 4.26 4.20
N LEU A 268 12.90 5.55 3.85
CA LEU A 268 14.07 6.46 3.94
C LEU A 268 14.43 6.70 5.42
N ARG A 269 13.42 6.78 6.30
CA ARG A 269 13.60 6.92 7.77
C ARG A 269 14.25 5.64 8.33
N VAL A 270 13.73 4.48 7.94
CA VAL A 270 14.24 3.13 8.35
C VAL A 270 15.71 3.00 7.94
N ALA A 271 16.05 3.43 6.72
CA ALA A 271 17.42 3.41 6.14
C ALA A 271 18.38 4.21 7.02
N GLN A 272 17.90 5.30 7.64
CA GLN A 272 18.72 6.22 8.47
C GLN A 272 18.84 5.69 9.90
N ARG A 273 17.73 5.26 10.51
CA ARG A 273 17.66 4.93 11.96
C ARG A 273 18.12 3.49 12.21
N ILE A 274 17.53 2.51 11.51
CA ILE A 274 17.74 1.04 11.77
C ILE A 274 18.17 0.35 10.47
N GLY A 275 18.77 1.09 9.52
CA GLY A 275 19.16 0.57 8.19
C GLY A 275 20.10 -0.61 8.28
N ASP A 276 20.97 -0.65 9.29
CA ASP A 276 21.97 -1.72 9.52
C ASP A 276 21.27 -3.05 9.85
N LYS A 277 19.96 -3.03 10.13
CA LYS A 277 19.14 -4.25 10.42
C LYS A 277 18.67 -4.90 9.11
N PHE A 278 18.89 -4.26 7.96
CA PHE A 278 18.37 -4.69 6.63
C PHE A 278 19.52 -4.83 5.62
N CYS A 279 19.45 -5.86 4.79
CA CYS A 279 20.34 -6.09 3.60
C CYS A 279 20.10 -4.97 2.57
N CYS A 280 18.84 -4.59 2.36
CA CYS A 280 18.43 -3.58 1.37
C CYS A 280 17.07 -2.97 1.74
N ILE A 281 16.77 -1.78 1.19
CA ILE A 281 15.48 -1.05 1.38
C ILE A 281 14.98 -0.59 0.00
N VAL A 282 13.67 -0.71 -0.24
CA VAL A 282 12.99 -0.30 -1.50
C VAL A 282 12.09 0.90 -1.19
N ASN A 283 12.31 2.02 -1.89
CA ASN A 283 11.50 3.26 -1.78
C ASN A 283 10.71 3.43 -3.08
N LEU A 284 9.43 3.06 -3.08
CA LEU A 284 8.51 3.22 -4.25
C LEU A 284 7.85 4.60 -4.17
N SER A 285 8.53 5.61 -4.72
CA SER A 285 8.03 6.99 -4.95
C SER A 285 7.76 7.73 -3.62
N GLY A 286 8.55 7.42 -2.58
CA GLY A 286 8.67 8.27 -1.39
C GLY A 286 9.72 9.35 -1.62
N GLY A 287 9.78 10.36 -0.75
CA GLY A 287 10.73 11.48 -0.85
C GLY A 287 11.13 12.02 0.52
N PRO A 288 12.19 12.85 0.59
CA PRO A 288 12.66 13.40 1.87
C PRO A 288 11.73 14.48 2.45
N GLU A 289 10.84 15.05 1.62
CA GLU A 289 9.83 16.06 2.05
C GLU A 289 8.71 16.15 1.00
N ILE A 290 7.50 16.51 1.44
CA ILE A 290 6.29 16.68 0.57
C ILE A 290 6.26 18.12 0.05
N ALA A 291 5.64 18.34 -1.11
CA ALA A 291 5.42 19.66 -1.73
C ALA A 291 4.54 20.52 -0.82
N GLU A 292 4.44 21.82 -1.11
CA GLU A 292 3.67 22.82 -0.32
C GLU A 292 2.23 22.32 -0.15
N PHE A 293 1.79 22.13 1.10
CA PHE A 293 0.48 21.55 1.49
C PHE A 293 -0.67 22.34 0.83
N ASP A 294 -0.61 23.67 0.90
CA ASP A 294 -1.64 24.60 0.35
C ASP A 294 -1.80 24.37 -1.16
N LYS A 295 -0.70 24.07 -1.86
CA LYS A 295 -0.64 23.96 -3.34
C LYS A 295 -1.00 22.54 -3.80
N LEU A 296 -1.12 21.57 -2.88
CA LEU A 296 -1.59 20.20 -3.18
C LEU A 296 -3.02 20.28 -3.72
N PRO A 297 -3.41 19.40 -4.68
CA PRO A 297 -4.82 19.24 -5.05
C PRO A 297 -5.70 19.08 -3.80
N ARG A 298 -6.98 19.47 -3.88
CA ARG A 298 -7.88 19.66 -2.71
C ARG A 298 -8.15 18.32 -1.99
N ARG A 299 -8.04 17.19 -2.69
CA ARG A 299 -8.37 15.85 -2.12
C ARG A 299 -7.17 15.26 -1.36
N LEU A 300 -5.94 15.61 -1.75
CA LEU A 300 -4.70 15.18 -1.05
C LEU A 300 -4.60 15.88 0.32
N LYS A 301 -5.03 17.14 0.42
CA LYS A 301 -5.11 17.91 1.68
C LYS A 301 -6.01 17.16 2.67
N GLU A 302 -7.25 16.85 2.26
CA GLU A 302 -8.24 16.08 3.07
C GLU A 302 -7.66 14.70 3.39
N ASP A 303 -6.98 14.08 2.43
CA ASP A 303 -6.30 12.77 2.57
C ASP A 303 -5.31 12.85 3.73
N PHE A 304 -4.37 13.81 3.67
CA PHE A 304 -3.33 14.07 4.69
C PHE A 304 -4.01 14.47 6.02
N GLN A 305 -5.00 15.37 5.95
CA GLN A 305 -5.79 15.84 7.12
C GLN A 305 -6.38 14.63 7.87
N PHE A 306 -6.97 13.68 7.13
CA PHE A 306 -7.68 12.50 7.71
C PHE A 306 -6.67 11.53 8.35
N ALA A 307 -5.56 11.26 7.64
CA ALA A 307 -4.49 10.32 8.06
C ALA A 307 -3.86 10.78 9.38
N PHE A 308 -3.54 12.07 9.48
CA PHE A 308 -2.90 12.71 10.67
C PHE A 308 -3.96 13.15 11.68
N MET A 309 -5.23 13.16 11.28
CA MET A 309 -6.41 13.55 12.12
C MET A 309 -6.22 14.99 12.61
N GLN A 310 -5.87 15.90 11.68
CA GLN A 310 -5.64 17.35 11.94
C GLN A 310 -6.37 18.17 10.88
N ASP A 311 -6.66 19.44 11.18
CA ASP A 311 -7.37 20.39 10.28
C ASP A 311 -6.36 21.02 9.31
N ASN A 312 -6.84 21.81 8.35
CA ASN A 312 -6.05 22.45 7.26
C ASN A 312 -4.88 23.26 7.84
N SER A 313 -5.14 24.05 8.89
CA SER A 313 -4.22 25.08 9.44
C SER A 313 -2.97 24.44 10.08
N HIS A 314 -3.05 23.19 10.52
CA HIS A 314 -1.99 22.49 11.31
C HIS A 314 -1.07 21.65 10.41
N MET A 315 -1.46 21.41 9.15
CA MET A 315 -0.84 20.38 8.27
C MET A 315 0.56 20.81 7.80
N GLN A 316 0.71 22.07 7.36
CA GLN A 316 1.99 22.60 6.82
C GLN A 316 3.07 22.53 7.91
N SER A 317 2.69 22.67 9.18
CA SER A 317 3.58 22.56 10.37
C SER A 317 4.08 21.12 10.52
N ILE A 318 3.21 20.13 10.27
CA ILE A 318 3.54 18.68 10.35
C ILE A 318 4.49 18.33 9.19
N PHE A 319 4.24 18.86 8.00
CA PHE A 319 5.07 18.71 6.78
C PHE A 319 6.51 19.19 7.07
N ASP A 320 6.64 20.27 7.86
CA ASP A 320 7.95 20.84 8.27
C ASP A 320 8.69 19.83 9.16
N GLU A 321 7.98 19.23 10.13
CA GLU A 321 8.52 18.20 11.07
C GLU A 321 8.92 16.94 10.28
N ILE A 322 8.13 16.60 9.25
CA ILE A 322 8.32 15.38 8.41
C ILE A 322 9.65 15.48 7.64
N LYS A 323 9.97 16.66 7.09
CA LYS A 323 11.18 16.93 6.28
C LYS A 323 12.40 16.26 6.93
N LEU A 324 13.07 15.36 6.21
CA LEU A 324 14.22 14.57 6.71
C LEU A 324 15.48 15.43 6.75
N ASP A 325 16.37 15.15 7.71
CA ASP A 325 17.78 15.62 7.73
C ASP A 325 18.59 14.69 6.82
N ILE A 326 18.81 15.09 5.57
CA ILE A 326 19.44 14.27 4.49
C ILE A 326 20.90 13.97 4.87
N SER A 327 21.51 14.83 5.68
CA SER A 327 22.91 14.71 6.18
C SER A 327 23.13 13.35 6.86
N LEU A 328 22.16 12.89 7.66
CA LEU A 328 22.24 11.60 8.43
C LEU A 328 22.60 10.47 7.47
N PRO A 329 23.55 9.58 7.85
CA PRO A 329 24.08 8.58 6.92
C PRO A 329 23.10 7.45 6.60
N CYS A 330 23.14 6.96 5.36
CA CYS A 330 22.37 5.79 4.86
C CYS A 330 23.10 4.51 5.26
N LYS A 331 22.47 3.66 6.07
CA LYS A 331 23.10 2.50 6.77
C LYS A 331 22.93 1.20 5.98
N THR A 332 22.39 1.27 4.75
CA THR A 332 22.17 0.07 3.88
C THR A 332 21.95 0.51 2.42
N LYS A 333 21.79 -0.47 1.53
CA LYS A 333 21.51 -0.27 0.08
C LYS A 333 20.04 0.15 -0.10
N VAL A 334 19.80 1.23 -0.83
CA VAL A 334 18.43 1.79 -1.09
C VAL A 334 18.21 1.87 -2.60
N PHE A 335 17.06 1.37 -3.07
CA PHE A 335 16.59 1.46 -4.48
C PHE A 335 15.30 2.29 -4.49
N THR A 336 15.32 3.43 -5.19
CA THR A 336 14.16 4.36 -5.33
C THR A 336 13.64 4.32 -6.76
N VAL A 337 12.34 4.09 -6.91
CA VAL A 337 11.57 4.25 -8.18
C VAL A 337 10.72 5.51 -8.04
N HIS A 338 10.90 6.49 -8.94
CA HIS A 338 10.23 7.82 -8.86
C HIS A 338 9.88 8.33 -10.26
N GLY A 339 8.82 9.13 -10.36
CA GLY A 339 8.34 9.76 -11.61
C GLY A 339 8.75 11.22 -11.66
N GLU A 340 9.11 11.69 -12.86
CA GLU A 340 9.55 13.09 -13.14
C GLU A 340 8.46 14.07 -12.72
N LEU A 341 7.19 13.75 -13.00
CA LEU A 341 6.03 14.66 -12.83
C LEU A 341 5.27 14.35 -11.52
N ASP A 342 5.97 13.80 -10.51
CA ASP A 342 5.41 13.54 -9.15
C ASP A 342 5.12 14.90 -8.49
N ASP A 343 3.85 15.16 -8.16
CA ASP A 343 3.35 16.47 -7.65
C ASP A 343 3.20 16.41 -6.12
N ILE A 344 3.53 15.29 -5.49
CA ILE A 344 3.49 15.09 -4.00
C ILE A 344 4.94 15.13 -3.47
N PHE A 345 5.77 14.17 -3.87
CA PHE A 345 7.23 14.11 -3.58
C PHE A 345 7.98 14.57 -4.83
N GLN A 346 8.49 15.80 -4.81
CA GLN A 346 9.13 16.46 -5.99
C GLN A 346 10.46 15.75 -6.31
N ILE A 347 10.71 15.51 -7.59
CA ILE A 347 11.88 14.71 -8.11
C ILE A 347 13.19 15.39 -7.71
N ASP A 348 13.25 16.72 -7.76
CA ASP A 348 14.48 17.53 -7.48
C ASP A 348 15.00 17.20 -6.08
N LYS A 349 14.10 16.98 -5.11
CA LYS A 349 14.44 16.65 -3.70
C LYS A 349 14.99 15.22 -3.63
N VAL A 350 14.43 14.30 -4.41
CA VAL A 350 14.84 12.87 -4.49
C VAL A 350 16.22 12.78 -5.16
N LYS A 351 16.42 13.52 -6.25
CA LYS A 351 17.71 13.58 -7.00
C LYS A 351 18.79 14.21 -6.11
N LYS A 352 18.41 15.18 -5.27
CA LYS A 352 19.30 15.81 -4.25
C LYS A 352 19.77 14.73 -3.27
N LEU A 353 18.85 13.89 -2.78
CA LEU A 353 19.13 12.77 -1.85
C LEU A 353 20.01 11.72 -2.55
N ASP A 354 19.68 11.40 -3.82
CA ASP A 354 20.40 10.41 -4.65
C ASP A 354 21.89 10.76 -4.73
N GLN A 355 22.20 12.03 -5.02
CA GLN A 355 23.59 12.55 -5.18
C GLN A 355 24.33 12.47 -3.83
N LEU A 356 23.68 12.89 -2.73
CA LEU A 356 24.28 12.99 -1.39
C LEU A 356 24.53 11.58 -0.82
N TRP A 357 23.56 10.68 -0.96
CA TRP A 357 23.63 9.28 -0.44
C TRP A 357 24.60 8.45 -1.30
N GLY A 358 24.81 8.85 -2.56
CA GLY A 358 25.89 8.36 -3.43
C GLY A 358 25.70 6.92 -3.88
N ASP A 359 26.70 6.07 -3.63
CA ASP A 359 26.78 4.68 -4.15
C ASP A 359 25.79 3.77 -3.40
N ASN A 360 25.40 4.14 -2.18
CA ASN A 360 24.45 3.37 -1.33
C ASN A 360 23.03 3.47 -1.91
N HIS A 361 22.73 4.55 -2.64
CA HIS A 361 21.39 4.83 -3.23
C HIS A 361 21.41 4.60 -4.75
N GLN A 362 20.39 3.91 -5.26
CA GLN A 362 20.14 3.72 -6.73
C GLN A 362 18.79 4.36 -7.08
N LEU A 363 18.76 5.20 -8.12
CA LEU A 363 17.55 5.92 -8.58
C LEU A 363 17.13 5.40 -9.96
N LEU A 364 15.92 4.86 -10.06
CA LEU A 364 15.22 4.54 -11.32
C LEU A 364 14.15 5.61 -11.56
N CYS A 365 14.48 6.65 -12.33
CA CYS A 365 13.60 7.81 -12.63
C CYS A 365 12.88 7.58 -13.97
N TYR A 366 11.55 7.63 -13.97
CA TYR A 366 10.70 7.46 -15.17
C TYR A 366 10.28 8.84 -15.70
N GLU A 367 10.62 9.12 -16.97
CA GLU A 367 10.23 10.35 -17.70
C GLU A 367 8.73 10.31 -17.99
N SER A 368 8.04 11.43 -17.77
CA SER A 368 6.59 11.62 -18.07
C SER A 368 5.73 10.63 -17.27
N GLU A 369 6.11 10.34 -16.03
CA GLU A 369 5.35 9.47 -15.09
C GLU A 369 5.00 10.27 -13.83
N ALA A 370 3.79 10.05 -13.30
CA ALA A 370 3.27 10.69 -12.06
C ALA A 370 3.68 9.88 -10.85
N HIS A 371 3.19 10.28 -9.66
CA HIS A 371 3.45 9.63 -8.34
C HIS A 371 3.23 8.12 -8.44
N VAL A 372 4.26 7.33 -8.06
CA VAL A 372 4.24 5.83 -7.93
C VAL A 372 4.42 5.16 -9.30
N CYS A 373 4.47 5.94 -10.40
CA CYS A 373 4.80 5.46 -11.77
C CYS A 373 3.94 4.24 -12.11
N LEU A 374 2.62 4.34 -11.93
CA LEU A 374 1.67 3.20 -11.96
C LEU A 374 1.55 2.59 -13.36
N ASN A 375 1.93 3.33 -14.42
CA ASN A 375 1.95 2.82 -15.82
C ASN A 375 3.14 1.88 -16.03
N LYS A 376 4.07 1.81 -15.07
CA LYS A 376 5.33 1.02 -15.16
C LYS A 376 5.42 -0.03 -14.03
N ILE A 377 4.38 -0.15 -13.18
CA ILE A 377 4.44 -0.91 -11.90
C ILE A 377 4.80 -2.38 -12.17
N ASN A 378 4.22 -2.99 -13.22
CA ASN A 378 4.50 -4.41 -13.55
C ASN A 378 6.00 -4.60 -13.82
N GLU A 379 6.58 -3.77 -14.69
CA GLU A 379 7.99 -3.93 -15.14
C GLU A 379 8.95 -3.54 -14.01
N TYR A 380 8.65 -2.49 -13.22
CA TYR A 380 9.57 -1.99 -12.17
C TYR A 380 9.50 -2.90 -10.94
N MET A 381 8.39 -3.59 -10.71
CA MET A 381 8.28 -4.58 -9.60
C MET A 381 9.04 -5.86 -9.97
N ILE A 382 9.11 -6.22 -11.26
CA ILE A 382 9.98 -7.32 -11.78
C ILE A 382 11.44 -6.96 -11.47
N GLN A 383 11.86 -5.75 -11.81
CA GLN A 383 13.25 -5.24 -11.61
C GLN A 383 13.54 -5.13 -10.10
N VAL A 384 12.61 -4.56 -9.33
CA VAL A 384 12.74 -4.37 -7.85
C VAL A 384 12.91 -5.74 -7.18
N SER A 385 12.04 -6.71 -7.52
CA SER A 385 12.04 -8.09 -6.94
C SER A 385 13.39 -8.77 -7.20
N ASP A 386 13.94 -8.61 -8.40
CA ASP A 386 15.25 -9.18 -8.83
C ASP A 386 16.38 -8.48 -8.07
N TRP A 387 16.30 -7.16 -7.89
CA TRP A 387 17.31 -6.33 -7.17
C TRP A 387 17.41 -6.80 -5.71
N VAL A 388 16.27 -7.05 -5.05
CA VAL A 388 16.19 -7.50 -3.63
C VAL A 388 16.88 -8.88 -3.52
N SER A 389 16.54 -9.83 -4.41
CA SER A 389 17.14 -11.17 -4.51
C SER A 389 18.67 -11.05 -4.59
N GLU A 390 19.17 -10.11 -5.38
CA GLU A 390 20.61 -9.87 -5.63
C GLU A 390 21.30 -9.40 -4.34
N GLN A 391 20.63 -8.53 -3.56
CA GLN A 391 21.18 -7.95 -2.30
C GLN A 391 21.31 -9.04 -1.25
N PHE A 392 20.37 -9.99 -1.20
CA PHE A 392 20.41 -11.17 -0.29
C PHE A 392 21.56 -12.10 -0.71
N TRP A 393 21.71 -12.34 -2.02
CA TRP A 393 22.78 -13.18 -2.62
C TRP A 393 24.15 -12.58 -2.29
N LEU A 394 24.27 -11.25 -2.30
CA LEU A 394 25.52 -10.51 -1.97
C LEU A 394 25.85 -10.64 -0.49
N ASN A 395 24.85 -10.90 0.36
CA ASN A 395 25.01 -11.12 1.83
C ASN A 395 25.13 -12.62 2.12
N GLY A 396 25.44 -13.44 1.11
CA GLY A 396 25.77 -14.87 1.25
C GLY A 396 24.55 -15.76 1.30
N TYR A 397 23.59 -15.53 0.39
CA TYR A 397 22.36 -16.37 0.20
C TYR A 397 22.28 -16.83 -1.26
#